data_8EYW
#
_entry.id   8EYW
#
_cell.length_a   29.687
_cell.length_b   50.566
_cell.length_c   94.740
_cell.angle_alpha   90.000
_cell.angle_beta   93.184
_cell.angle_gamma   90.000
#
_symmetry.space_group_name_H-M   'P 1 21 1'
#
loop_
_entity.id
_entity.type
_entity.pdbx_description
1 polymer 'RNA (49-MER)'
2 non-polymer 'POTASSIUM ION'
3 non-polymer 2-[4-(dimethylamino)phenyl]-3,6-dimethyl-1,3-benzothiazol-3-ium
4 water water
#
_entity_poly.entity_id   1
_entity_poly.type   'polyribonucleotide'
_entity_poly.pdbx_seq_one_letter_code
;GCGCCGGUUAGGCAGAGGUGGGUGGUGUGGAGGAGUAUCUGUCCGGCGC
;
_entity_poly.pdbx_strand_id   B,A
#
loop_
_chem_comp.id
_chem_comp.type
_chem_comp.name
_chem_comp.formula
A RNA linking ADENOSINE-5'-MONOPHOSPHATE 'C10 H14 N5 O7 P'
C RNA linking CYTIDINE-5'-MONOPHOSPHATE 'C9 H14 N3 O8 P'
G RNA linking GUANOSINE-5'-MONOPHOSPHATE 'C10 H14 N5 O8 P'
K non-polymer 'POTASSIUM ION' 'K 1'
TFX non-polymer 2-[4-(dimethylamino)phenyl]-3,6-dimethyl-1,3-benzothiazol-3-ium 'C17 H19 N2 S 1'
U RNA linking URIDINE-5'-MONOPHOSPHATE 'C9 H13 N2 O9 P'
#
# COMPACT_ATOMS: atom_id res chain seq x y z
K K C . 1.23 1.02 -0.71
K K D . 2.27 -1.89 -2.43
K K E . 3.26 -4.50 -4.34
N1 TFX F . 7.41 -12.10 -6.29
S1 TFX F . 5.81 -13.52 -4.97
C2 TFX F . 2.75 -11.77 -8.93
N2 TFX F . 1.65 -11.57 -9.85
C3 TFX F . 3.88 -10.96 -9.03
C4 TFX F . 4.96 -11.14 -8.17
C5 TFX F . 4.91 -12.15 -7.22
C6 TFX F . 3.80 -12.96 -7.16
C7 TFX F . 2.71 -12.79 -7.99
C8 TFX F . 6.05 -12.47 -6.26
C9 TFX F . 8.11 -12.70 -5.18
C10 TFX F . 7.37 -13.52 -4.36
C11 TFX F . 7.99 -14.15 -3.27
C12 TFX F . 9.35 -13.95 -3.03
C13 TFX F . 10.11 -13.11 -3.86
C14 TFX F . 9.50 -12.49 -4.94
C15 TFX F . 0.40 -12.30 -9.71
C16 TFX F . 1.79 -10.64 -10.96
C17 TFX F . 8.10 -11.22 -7.23
C18 TFX F . 10.00 -14.64 -1.83
K K G . 0.13 3.74 1.06
K K H . -0.75 6.46 2.97
N1 TFX I . -5.89 13.20 5.39
S1 TFX I . -7.87 11.89 6.22
C2 TFX I . -4.23 10.75 9.78
N2 TFX I . -3.54 10.26 10.95
C3 TFX I . -3.49 11.41 8.83
C4 TFX I . -4.12 11.91 7.71
C5 TFX I . -5.47 11.72 7.54
C6 TFX I . -6.22 11.09 8.51
C7 TFX I . -5.59 10.59 9.63
C8 TFX I . -6.25 12.29 6.38
C9 TFX I . -7.01 13.45 4.53
C10 TFX I . -8.19 12.80 4.85
C11 TFX I . -9.32 13.04 4.06
C12 TFX I . -9.23 13.90 2.95
C13 TFX I . -8.03 14.56 2.64
C14 TFX I . -6.92 14.34 3.43
C15 TFX I . -4.18 9.35 11.92
C16 TFX I . -2.20 10.76 11.16
C17 TFX I . -4.61 13.83 5.13
C18 TFX I . -10.45 14.18 2.06
#